data_4ZRR
#
_entry.id   4ZRR
#
_cell.length_a   94.819
_cell.length_b   55.046
_cell.length_c   69.797
_cell.angle_alpha   90.00
_cell.angle_beta   91.89
_cell.angle_gamma   90.00
#
_symmetry.space_group_name_H-M   'C 1 2 1'
#
loop_
_entity.id
_entity.type
_entity.pdbx_description
1 polymer Bacteriophytochrome
2 non-polymer '3-[2-[(Z)-[3-(2-carboxyethyl)-5-[(Z)-(4-ethenyl-3-methyl-5-oxidanylidene-pyrrol-2-ylidene)methyl]-4-methyl-pyrrol-1-ium -2-ylidene]methyl]-5-[(Z)-[(3E)-3-ethylidene-4-methyl-5-oxidanylidene-pyrrolidin-2-ylidene]methyl]-4-methyl-1H-pyrrol-3- yl]propanoic acid'
3 non-polymer '3-[2-[(Z)-[5-[(Z)-(4-ethenyl-3-methyl-5-oxidanylidene-pyrrol-2-ylidene)methyl]-3-(3-hydroxy-3-oxopropyl)-4-methyl-pyrrol-1-ium-2-ylidene]methyl]-5-[(Z)-[(3E,4R)-3-ethylidene-4-methyl-5-oxidanylidene-pyrrolidin-2-ylidene]methyl]-4-methyl-1H-pyrrol-3-yl]propanoic acid'
4 non-polymer 'PHOSPHATE ION'
5 non-polymer DI(HYDROXYETHYL)ETHER
6 water water
#
_entity_poly.entity_id   1
_entity_poly.type   'polypeptide(L)'
_entity_poly.pdbx_seq_one_letter_code
;MASMTGGQQMGRGSMSRDPLPFFPPLYLGGPEITTENCEREPIHIPGSIQPHGALLTADGHSGEVLQMSLNAATFLGQEP
TVLRGQTLAALLPEQWPALQAALPPGCPDALQYRATLDWPAAGHLSLTVHRVGELLILEFEPTEAWDSTGPHALRNAMSA
LESAPNLRALAEVATQTVRELTGFDRVMLYKFAPDATGEVIAEARREGLHAFLGHRFPASLIPAQARALYTRHLLRLTAD
TRAAAVPLDPVLNPQTNAPTPLGGAVLRATSPMHMQFLRNMGVGSSLSVSVVVGGQLWGLIACHHQTPYVLPPDLRTTLE
YLGRELSEQVQVKEALEHHHHHH
;
_entity_poly.pdbx_strand_id   A
#
loop_
_chem_comp.id
_chem_comp.type
_chem_comp.name
_chem_comp.formula
LBV non-polymer '3-[2-[(Z)-[3-(2-carboxyethyl)-5-[(Z)-(4-ethenyl-3-methyl-5-oxidanylidene-pyrrol-2-ylidene)methyl]-4-methyl-pyrrol-1-ium -2-ylidene]methyl]-5-[(Z)-[(3E)-3-ethylidene-4-methyl-5-oxidanylidene-pyrrolidin-2-ylidene]methyl]-4-methyl-1H-pyrrol-3- yl]propanoic acid' 'C33 H37 N4 O6 1'
LBW non-polymer '3-[2-[(Z)-[5-[(Z)-(4-ethenyl-3-methyl-5-oxidanylidene-pyrrol-2-ylidene)methyl]-3-(3-hydroxy-3-oxopropyl)-4-methyl-pyrrol-1-ium-2-ylidene]methyl]-5-[(Z)-[(3E,4R)-3-ethylidene-4-methyl-5-oxidanylidene-pyrrolidin-2-ylidene]methyl]-4-methyl-1H-pyrrol-3-yl]propanoic acid' 'C33 H37 N4 O6 1'
PEG non-polymer DI(HYDROXYETHYL)ETHER 'C4 H10 O3'
PO4 non-polymer 'PHOSPHATE ION' 'O4 P -3'
#
# COMPACT_ATOMS: atom_id res chain seq x y z
N PRO A 21 -1.68 -21.97 -7.94
CA PRO A 21 -0.76 -22.19 -6.83
C PRO A 21 0.53 -21.38 -6.99
N PHE A 22 0.90 -20.65 -5.94
CA PHE A 22 2.03 -19.70 -5.94
CA PHE A 22 2.01 -19.72 -6.04
C PHE A 22 3.35 -20.42 -6.13
N PHE A 23 4.26 -19.78 -6.87
CA PHE A 23 5.66 -20.20 -6.89
C PHE A 23 6.25 -19.86 -5.53
N PRO A 24 7.32 -20.56 -5.14
CA PRO A 24 8.13 -20.07 -4.02
C PRO A 24 8.68 -18.68 -4.32
N PRO A 25 8.84 -17.84 -3.28
CA PRO A 25 9.49 -16.55 -3.53
C PRO A 25 10.96 -16.73 -3.94
N LEU A 26 11.56 -15.64 -4.42
CA LEU A 26 12.92 -15.71 -5.00
C LEU A 26 13.96 -16.22 -4.00
N TYR A 27 13.81 -15.83 -2.74
CA TYR A 27 14.72 -16.22 -1.67
C TYR A 27 14.50 -17.65 -1.14
N LEU A 28 13.47 -18.34 -1.63
CA LEU A 28 13.28 -19.78 -1.38
C LEU A 28 13.48 -20.56 -2.68
N GLY A 29 14.33 -20.04 -3.56
CA GLY A 29 14.69 -20.72 -4.81
C GLY A 29 13.66 -20.67 -5.93
N GLY A 30 12.64 -19.83 -5.80
CA GLY A 30 11.62 -19.73 -6.83
C GLY A 30 12.12 -19.02 -8.07
N PRO A 31 11.43 -19.22 -9.21
CA PRO A 31 11.87 -18.60 -10.45
C PRO A 31 11.58 -17.11 -10.49
N GLU A 32 12.38 -16.41 -11.30
CA GLU A 32 12.01 -15.07 -11.71
C GLU A 32 10.77 -15.15 -12.58
N ILE A 33 9.85 -14.22 -12.36
CA ILE A 33 8.54 -14.25 -12.97
C ILE A 33 8.62 -13.79 -14.40
N THR A 34 7.89 -14.45 -15.29
CA THR A 34 7.75 -14.03 -16.69
C THR A 34 6.28 -13.91 -17.05
N THR A 35 6.00 -13.45 -18.27
CA THR A 35 4.62 -13.30 -18.71
C THR A 35 3.82 -14.61 -18.82
N GLU A 36 4.49 -15.76 -18.79
CA GLU A 36 3.79 -17.05 -18.77
C GLU A 36 3.22 -17.42 -17.40
N ASN A 37 3.69 -16.76 -16.34
CA ASN A 37 3.32 -17.13 -14.97
C ASN A 37 3.14 -15.95 -14.02
N CYS A 38 2.70 -14.82 -14.58
CA CYS A 38 2.35 -13.61 -13.81
C CYS A 38 1.55 -13.91 -12.55
N GLU A 39 0.55 -14.77 -12.69
CA GLU A 39 -0.41 -15.04 -11.63
C GLU A 39 0.16 -15.85 -10.45
N ARG A 40 1.34 -16.44 -10.66
CA ARG A 40 1.96 -17.31 -9.67
C ARG A 40 2.96 -16.56 -8.79
N GLU A 41 3.20 -15.27 -9.05
CA GLU A 41 4.13 -14.51 -8.21
C GLU A 41 3.57 -14.30 -6.81
N PRO A 42 4.30 -14.70 -5.75
CA PRO A 42 3.78 -14.52 -4.39
C PRO A 42 4.04 -13.08 -3.90
N ILE A 43 3.28 -12.14 -4.45
CA ILE A 43 3.53 -10.71 -4.22
C ILE A 43 3.42 -10.25 -2.76
N HIS A 44 2.68 -11.02 -1.96
CA HIS A 44 2.49 -10.71 -0.55
C HIS A 44 3.70 -11.01 0.33
N ILE A 45 4.67 -11.78 -0.16
CA ILE A 45 5.85 -12.16 0.64
C ILE A 45 7.16 -11.91 -0.10
N PRO A 46 7.40 -10.66 -0.51
CA PRO A 46 8.65 -10.37 -1.24
C PRO A 46 9.92 -10.36 -0.38
N GLY A 47 9.80 -10.39 0.95
CA GLY A 47 10.98 -10.43 1.82
C GLY A 47 11.83 -9.18 1.70
N SER A 48 11.20 -8.08 1.33
CA SER A 48 11.90 -6.83 1.05
C SER A 48 10.91 -5.68 1.03
N ILE A 49 11.44 -4.46 1.16
CA ILE A 49 10.66 -3.23 1.25
C ILE A 49 11.17 -2.14 0.32
N GLN A 50 10.40 -1.06 0.22
CA GLN A 50 10.80 0.14 -0.52
C GLN A 50 11.69 1.02 0.37
N PRO A 51 12.68 1.68 -0.23
CA PRO A 51 13.72 2.34 0.61
C PRO A 51 13.33 3.66 1.25
N HIS A 52 12.15 4.19 0.95
CA HIS A 52 11.70 5.44 1.58
C HIS A 52 11.23 5.31 3.04
N GLY A 53 11.16 4.08 3.54
CA GLY A 53 10.89 3.83 4.95
C GLY A 53 11.73 2.68 5.46
N ALA A 54 11.52 2.32 6.72
CA ALA A 54 12.20 1.16 7.32
C ALA A 54 11.15 0.25 7.94
N LEU A 55 11.46 -1.04 8.00
CA LEU A 55 10.55 -2.03 8.58
C LEU A 55 11.29 -2.90 9.60
N LEU A 56 10.65 -3.10 10.75
CA LEU A 56 11.07 -4.10 11.73
C LEU A 56 9.94 -5.09 11.93
N THR A 57 10.27 -6.33 12.24
CA THR A 57 9.29 -7.24 12.79
C THR A 57 9.75 -7.61 14.19
N ALA A 58 8.78 -7.87 15.07
CA ALA A 58 9.07 -8.11 16.47
C ALA A 58 8.15 -9.17 17.05
N ASP A 59 8.64 -9.91 18.02
CA ASP A 59 7.82 -10.92 18.67
C ASP A 59 6.66 -10.22 19.42
N GLY A 60 5.46 -10.74 19.22
CA GLY A 60 4.25 -10.11 19.75
C GLY A 60 4.08 -10.20 21.25
N HIS A 61 4.84 -11.05 21.93
CA HIS A 61 4.83 -11.14 23.39
C HIS A 61 6.01 -10.40 24.01
N SER A 62 7.22 -10.72 23.58
CA SER A 62 8.44 -10.18 24.18
C SER A 62 8.83 -8.81 23.65
N GLY A 63 8.37 -8.47 22.44
CA GLY A 63 8.87 -7.29 21.72
C GLY A 63 10.30 -7.39 21.19
N GLU A 64 10.93 -8.58 21.22
CA GLU A 64 12.26 -8.75 20.62
C GLU A 64 12.18 -8.47 19.13
N VAL A 65 13.11 -7.64 18.64
CA VAL A 65 13.21 -7.36 17.20
C VAL A 65 13.78 -8.60 16.51
N LEU A 66 12.98 -9.18 15.61
CA LEU A 66 13.33 -10.43 14.92
C LEU A 66 13.88 -10.23 13.51
N GLN A 67 13.35 -9.24 12.78
CA GLN A 67 13.85 -8.93 11.43
C GLN A 67 13.96 -7.44 11.28
N MET A 68 14.89 -7.00 10.43
CA MET A 68 15.02 -5.59 10.08
C MET A 68 15.32 -5.46 8.60
N SER A 69 14.72 -4.47 7.95
CA SER A 69 15.15 -4.10 6.61
C SER A 69 16.63 -3.69 6.69
N LEU A 70 17.40 -3.98 5.64
CA LEU A 70 18.86 -3.68 5.60
C LEU A 70 19.17 -2.21 5.84
N ASN A 71 18.23 -1.33 5.51
CA ASN A 71 18.38 0.11 5.71
C ASN A 71 17.91 0.63 7.07
N ALA A 72 17.42 -0.25 7.95
CA ALA A 72 16.72 0.19 9.16
C ALA A 72 17.66 0.89 10.14
N ALA A 73 18.85 0.34 10.32
CA ALA A 73 19.85 0.92 11.23
C ALA A 73 20.25 2.33 10.80
N THR A 74 20.61 2.47 9.52
CA THR A 74 20.93 3.80 8.95
C THR A 74 19.72 4.74 9.00
N PHE A 75 18.54 4.24 8.60
CA PHE A 75 17.32 5.05 8.60
C PHE A 75 16.95 5.56 9.99
N LEU A 76 17.10 4.70 11.01
CA LEU A 76 16.74 5.05 12.40
C LEU A 76 17.93 5.58 13.22
N GLY A 77 19.13 5.62 12.64
CA GLY A 77 20.32 6.11 13.34
C GLY A 77 20.78 5.22 14.49
N GLN A 78 20.60 3.91 14.33
CA GLN A 78 21.02 2.91 15.31
C GLN A 78 22.25 2.18 14.79
N GLU A 79 23.05 1.62 15.69
CA GLU A 79 24.13 0.70 15.32
C GLU A 79 23.49 -0.62 14.87
N PRO A 80 23.88 -1.17 13.70
CA PRO A 80 23.32 -2.44 13.22
C PRO A 80 23.33 -3.58 14.25
N THR A 81 24.45 -3.71 14.97
CA THR A 81 24.58 -4.71 16.05
C THR A 81 23.62 -4.49 17.22
N VAL A 82 23.31 -3.22 17.53
CA VAL A 82 22.42 -2.88 18.64
C VAL A 82 20.94 -3.14 18.28
N LEU A 83 20.56 -2.95 17.01
CA LEU A 83 19.15 -3.04 16.62
C LEU A 83 18.60 -4.48 16.60
N ARG A 84 19.34 -5.42 16.00
CA ARG A 84 18.93 -6.84 15.98
C ARG A 84 18.89 -7.40 17.40
N GLY A 85 17.75 -7.98 17.78
CA GLY A 85 17.59 -8.58 19.11
C GLY A 85 17.23 -7.62 20.24
N GLN A 86 17.30 -6.31 20.00
CA GLN A 86 16.81 -5.29 20.94
C GLN A 86 15.30 -5.49 21.12
N THR A 87 14.76 -4.97 22.22
CA THR A 87 13.34 -5.06 22.51
C THR A 87 12.65 -3.74 22.20
N LEU A 88 11.36 -3.81 21.86
CA LEU A 88 10.53 -2.62 21.68
C LEU A 88 10.34 -1.83 22.97
N ALA A 89 10.39 -2.50 24.13
CA ALA A 89 10.41 -1.82 25.43
C ALA A 89 11.56 -0.81 25.51
N ALA A 90 12.74 -1.22 25.02
CA ALA A 90 13.94 -0.38 25.04
C ALA A 90 14.03 0.60 23.88
N LEU A 91 13.58 0.18 22.69
CA LEU A 91 13.62 0.99 21.48
C LEU A 91 12.55 2.09 21.53
N LEU A 92 11.33 1.69 21.93
CA LEU A 92 10.14 2.55 21.90
C LEU A 92 9.45 2.59 23.27
N PRO A 93 10.16 3.07 24.31
CA PRO A 93 9.58 3.04 25.68
C PRO A 93 8.22 3.75 25.83
N GLU A 94 8.02 4.85 25.09
CA GLU A 94 6.77 5.61 25.14
C GLU A 94 5.58 4.98 24.40
N GLN A 95 5.85 4.08 23.44
CA GLN A 95 4.78 3.44 22.66
C GLN A 95 4.48 1.98 23.02
N TRP A 96 5.49 1.25 23.51
CA TRP A 96 5.37 -0.21 23.69
C TRP A 96 4.13 -0.64 24.50
N PRO A 97 3.87 -0.03 25.68
CA PRO A 97 2.65 -0.41 26.42
C PRO A 97 1.35 -0.18 25.64
N ALA A 98 1.22 0.98 25.01
CA ALA A 98 0.05 1.27 24.16
C ALA A 98 -0.05 0.30 22.97
N LEU A 99 1.09 0.02 22.34
CA LEU A 99 1.15 -0.93 21.23
C LEU A 99 0.61 -2.32 21.61
N GLN A 100 1.07 -2.85 22.74
CA GLN A 100 0.63 -4.17 23.25
C GLN A 100 -0.86 -4.21 23.50
N ALA A 101 -1.36 -3.17 24.17
CA ALA A 101 -2.78 -3.07 24.47
C ALA A 101 -3.63 -2.98 23.21
N ALA A 102 -3.14 -2.25 22.21
CA ALA A 102 -3.88 -2.04 20.97
C ALA A 102 -3.94 -3.27 20.08
N LEU A 103 -2.89 -4.10 20.10
CA LEU A 103 -2.78 -5.24 19.17
C LEU A 103 -2.55 -6.56 19.90
N PRO A 104 -3.57 -7.07 20.63
CA PRO A 104 -3.46 -8.32 21.35
CA PRO A 104 -3.38 -8.32 21.34
C PRO A 104 -3.47 -9.54 20.41
N PRO A 105 -2.99 -10.71 20.88
CA PRO A 105 -3.10 -11.95 20.09
C PRO A 105 -4.49 -12.23 19.51
N GLY A 106 -4.55 -12.64 18.25
CA GLY A 106 -5.81 -12.97 17.61
C GLY A 106 -6.65 -11.80 17.12
N CYS A 107 -6.15 -10.57 17.24
CA CYS A 107 -6.87 -9.39 16.74
C CYS A 107 -6.90 -9.44 15.22
N PRO A 108 -7.84 -8.71 14.58
CA PRO A 108 -7.83 -8.73 13.11
C PRO A 108 -6.50 -8.22 12.53
N ASP A 109 -6.01 -8.84 11.47
CA ASP A 109 -4.74 -8.43 10.86
C ASP A 109 -4.80 -7.01 10.31
N ALA A 110 -5.98 -6.58 9.85
CA ALA A 110 -6.22 -5.21 9.37
C ALA A 110 -6.17 -4.13 10.46
N LEU A 111 -6.30 -4.50 11.73
CA LEU A 111 -6.25 -3.54 12.84
C LEU A 111 -4.87 -2.90 12.97
N GLN A 112 -4.82 -1.58 13.11
CA GLN A 112 -3.57 -0.82 13.17
C GLN A 112 -3.39 -0.05 14.46
N TYR A 113 -2.14 0.02 14.92
CA TYR A 113 -1.69 1.00 15.90
C TYR A 113 -0.84 2.01 15.15
N ARG A 114 -1.10 3.30 15.36
CA ARG A 114 -0.39 4.39 14.71
C ARG A 114 0.12 5.39 15.74
N ALA A 115 1.37 5.81 15.60
CA ALA A 115 1.94 6.86 16.44
C ALA A 115 2.84 7.76 15.63
N THR A 116 3.02 8.99 16.11
CA THR A 116 3.99 9.93 15.54
C THR A 116 5.15 10.03 16.52
N LEU A 117 6.37 9.83 16.01
CA LEU A 117 7.59 9.82 16.83
C LEU A 117 8.44 11.04 16.52
N ASP A 118 9.02 11.66 17.55
CA ASP A 118 10.09 12.66 17.36
C ASP A 118 11.44 11.95 17.46
N TRP A 119 12.02 11.64 16.31
CA TRP A 119 13.24 10.85 16.19
C TRP A 119 14.36 11.78 15.68
N PRO A 120 15.34 12.13 16.54
CA PRO A 120 16.31 13.17 16.15
C PRO A 120 17.10 12.87 14.86
N ALA A 121 17.53 11.62 14.70
CA ALA A 121 18.29 11.19 13.51
C ALA A 121 17.48 11.22 12.20
N ALA A 122 16.18 10.91 12.28
CA ALA A 122 15.31 10.82 11.10
C ALA A 122 14.25 11.93 10.98
N GLY A 123 14.04 12.71 12.05
CA GLY A 123 12.96 13.70 12.12
C GLY A 123 11.66 13.09 12.64
N HIS A 124 10.56 13.81 12.41
CA HIS A 124 9.22 13.30 12.75
C HIS A 124 8.92 12.07 11.90
N LEU A 125 8.62 10.95 12.56
CA LEU A 125 8.28 9.70 11.85
C LEU A 125 6.86 9.26 12.14
N SER A 126 6.23 8.66 11.13
CA SER A 126 4.99 7.94 11.31
C SER A 126 5.34 6.48 11.57
N LEU A 127 4.80 5.92 12.65
CA LEU A 127 4.92 4.51 12.99
C LEU A 127 3.56 3.87 12.77
N THR A 128 3.53 2.82 11.96
CA THR A 128 2.33 2.02 11.72
C THR A 128 2.64 0.58 12.07
N VAL A 129 1.80 -0.02 12.91
CA VAL A 129 2.01 -1.40 13.35
C VAL A 129 0.76 -2.23 13.14
N HIS A 130 0.92 -3.48 12.72
N HIS A 130 0.93 -3.45 12.64
CA HIS A 130 -0.16 -4.44 12.73
CA HIS A 130 -0.12 -4.48 12.56
C HIS A 130 0.41 -5.80 13.10
C HIS A 130 0.42 -5.76 13.20
N ARG A 131 -0.49 -6.68 13.53
CA ARG A 131 -0.16 -8.02 13.98
C ARG A 131 -0.58 -9.04 12.94
N VAL A 132 0.32 -9.98 12.62
CA VAL A 132 -0.05 -11.16 11.86
C VAL A 132 0.42 -12.35 12.67
N GLY A 133 -0.51 -13.17 13.12
CA GLY A 133 -0.19 -14.27 14.03
C GLY A 133 0.49 -13.74 15.28
N GLU A 134 1.67 -14.25 15.56
CA GLU A 134 2.44 -13.86 16.75
C GLU A 134 3.51 -12.81 16.44
N LEU A 135 3.44 -12.19 15.26
CA LEU A 135 4.43 -11.22 14.80
C LEU A 135 3.84 -9.82 14.69
N LEU A 136 4.56 -8.82 15.22
CA LEU A 136 4.24 -7.41 14.99
C LEU A 136 5.08 -6.91 13.84
N ILE A 137 4.46 -6.16 12.93
CA ILE A 137 5.14 -5.62 11.76
C ILE A 137 5.09 -4.11 11.90
N LEU A 138 6.27 -3.48 12.02
CA LEU A 138 6.41 -2.05 12.34
C LEU A 138 6.98 -1.32 11.13
N GLU A 139 6.24 -0.32 10.64
CA GLU A 139 6.66 0.48 9.49
C GLU A 139 6.95 1.89 9.94
N PHE A 140 8.13 2.39 9.58
CA PHE A 140 8.56 3.74 9.94
C PHE A 140 8.76 4.51 8.64
N GLU A 141 8.17 5.70 8.54
CA GLU A 141 8.54 6.61 7.45
C GLU A 141 8.38 8.07 7.85
N PRO A 142 9.06 8.98 7.11
CA PRO A 142 8.92 10.38 7.50
C PRO A 142 7.51 10.89 7.41
N THR A 143 7.13 11.78 8.30
CA THR A 143 5.85 12.46 8.18
C THR A 143 6.00 13.95 8.36
N GLU A 144 5.10 14.69 7.71
CA GLU A 144 5.17 16.15 7.62
C GLU A 144 4.74 16.83 8.91
N HIS A 152 -10.55 19.48 7.67
CA HIS A 152 -11.48 20.26 6.83
C HIS A 152 -11.48 19.78 5.38
N ALA A 153 -10.29 19.55 4.81
CA ALA A 153 -10.17 19.05 3.44
C ALA A 153 -10.85 17.69 3.27
N LEU A 154 -10.64 16.80 4.24
CA LEU A 154 -11.30 15.49 4.24
C LEU A 154 -12.81 15.65 4.31
N ARG A 155 -13.31 16.48 5.23
CA ARG A 155 -14.74 16.75 5.35
C ARG A 155 -15.34 17.18 4.02
N ASN A 156 -14.72 18.18 3.38
CA ASN A 156 -15.20 18.72 2.10
C ASN A 156 -15.16 17.69 0.97
N ALA A 157 -14.07 16.94 0.89
CA ALA A 157 -13.94 15.87 -0.09
C ALA A 157 -15.01 14.81 0.10
N MET A 158 -15.22 14.37 1.33
CA MET A 158 -16.25 13.39 1.65
C MET A 158 -17.63 13.89 1.21
N SER A 159 -17.93 15.15 1.53
N SER A 159 -17.93 15.15 1.52
CA SER A 159 -19.17 15.80 1.13
CA SER A 159 -19.21 15.76 1.12
C SER A 159 -19.34 15.91 -0.39
C SER A 159 -19.36 15.93 -0.39
N ALA A 160 -18.26 16.24 -1.08
CA ALA A 160 -18.26 16.34 -2.55
C ALA A 160 -18.64 15.02 -3.24
N LEU A 161 -18.15 13.90 -2.70
CA LEU A 161 -18.48 12.58 -3.24
C LEU A 161 -19.96 12.28 -3.04
N GLU A 162 -20.43 12.46 -1.81
CA GLU A 162 -21.84 12.27 -1.43
C GLU A 162 -22.77 13.10 -2.32
N SER A 163 -22.43 14.37 -2.50
CA SER A 163 -23.26 15.30 -3.28
C SER A 163 -23.22 15.07 -4.79
N ALA A 164 -22.28 14.28 -5.30
CA ALA A 164 -22.23 14.00 -6.74
C ALA A 164 -23.55 13.36 -7.22
N PRO A 165 -24.12 13.85 -8.35
CA PRO A 165 -25.48 13.48 -8.76
C PRO A 165 -25.68 12.12 -9.46
N ASN A 166 -24.64 11.58 -10.08
CA ASN A 166 -24.74 10.32 -10.80
C ASN A 166 -23.35 9.65 -10.83
N LEU A 167 -23.27 8.45 -11.41
N LEU A 167 -23.27 8.45 -11.41
CA LEU A 167 -22.05 7.64 -11.38
CA LEU A 167 -22.04 7.64 -11.37
C LEU A 167 -20.89 8.28 -12.14
C LEU A 167 -20.89 8.28 -12.14
N ARG A 168 -21.17 8.81 -13.32
CA ARG A 168 -20.13 9.51 -14.10
C ARG A 168 -19.61 10.72 -13.34
N ALA A 169 -20.52 11.54 -12.84
CA ALA A 169 -20.13 12.72 -12.05
C ALA A 169 -19.35 12.33 -10.79
N LEU A 170 -19.75 11.23 -10.14
CA LEU A 170 -19.07 10.72 -8.96
C LEU A 170 -17.65 10.32 -9.30
N ALA A 171 -17.50 9.63 -10.43
CA ALA A 171 -16.18 9.22 -10.92
C ALA A 171 -15.29 10.43 -11.19
N GLU A 172 -15.87 11.44 -11.83
CA GLU A 172 -15.15 12.69 -12.15
C GLU A 172 -14.73 13.46 -10.90
N VAL A 173 -15.67 13.64 -9.97
CA VAL A 173 -15.40 14.30 -8.69
C VAL A 173 -14.34 13.52 -7.91
N ALA A 174 -14.43 12.20 -7.90
CA ALA A 174 -13.47 11.38 -7.17
C ALA A 174 -12.05 11.62 -7.71
N THR A 175 -11.91 11.58 -9.03
CA THR A 175 -10.59 11.77 -9.64
C THR A 175 -10.06 13.19 -9.44
N GLN A 176 -10.91 14.19 -9.61
CA GLN A 176 -10.48 15.59 -9.42
C GLN A 176 -10.14 15.86 -7.96
N THR A 177 -10.94 15.34 -7.05
CA THR A 177 -10.73 15.58 -5.62
C THR A 177 -9.44 14.92 -5.14
N VAL A 178 -9.23 13.66 -5.54
CA VAL A 178 -8.01 12.96 -5.17
C VAL A 178 -6.78 13.66 -5.77
N ARG A 179 -6.89 14.13 -7.01
CA ARG A 179 -5.79 14.88 -7.61
C ARG A 179 -5.48 16.19 -6.84
N GLU A 180 -6.53 16.93 -6.47
CA GLU A 180 -6.36 18.16 -5.67
C GLU A 180 -5.67 17.91 -4.32
N LEU A 181 -6.07 16.83 -3.64
CA LEU A 181 -5.48 16.48 -2.34
C LEU A 181 -4.04 16.02 -2.43
N THR A 182 -3.70 15.28 -3.50
CA THR A 182 -2.40 14.60 -3.59
C THR A 182 -1.36 15.30 -4.43
N GLY A 183 -1.81 16.10 -5.41
CA GLY A 183 -0.91 16.64 -6.41
C GLY A 183 -0.43 15.68 -7.48
N PHE A 184 -0.98 14.45 -7.50
CA PHE A 184 -0.54 13.48 -8.51
C PHE A 184 -0.79 13.98 -9.94
N ASP A 185 0.10 13.65 -10.87
CA ASP A 185 0.02 14.07 -12.26
C ASP A 185 -1.20 13.47 -12.95
N ARG A 186 -1.59 12.27 -12.55
CA ARG A 186 -2.77 11.61 -13.15
C ARG A 186 -3.48 10.83 -12.06
N VAL A 187 -4.81 10.96 -12.04
CA VAL A 187 -5.66 10.14 -11.18
C VAL A 187 -6.79 9.61 -12.04
N MET A 188 -6.94 8.29 -12.06
CA MET A 188 -7.94 7.58 -12.86
C MET A 188 -8.90 6.83 -11.98
N LEU A 189 -10.11 6.61 -12.48
CA LEU A 189 -10.98 5.57 -11.91
C LEU A 189 -10.96 4.42 -12.91
N TYR A 190 -10.42 3.28 -12.47
CA TYR A 190 -10.15 2.12 -13.30
C TYR A 190 -11.16 1.05 -12.90
N LYS A 191 -12.09 0.72 -13.80
CA LYS A 191 -13.23 -0.16 -13.47
C LYS A 191 -12.99 -1.55 -14.06
N PHE A 192 -13.17 -2.59 -13.23
CA PHE A 192 -13.05 -3.98 -13.70
C PHE A 192 -14.36 -4.44 -14.33
N ALA A 193 -14.25 -5.04 -15.51
CA ALA A 193 -15.37 -5.71 -16.15
C ALA A 193 -15.49 -7.12 -15.57
N PRO A 194 -16.60 -7.81 -15.84
CA PRO A 194 -16.75 -9.17 -15.33
C PRO A 194 -15.65 -10.15 -15.75
N ASP A 195 -15.02 -9.94 -16.91
CA ASP A 195 -13.91 -10.78 -17.37
C ASP A 195 -12.55 -10.30 -16.83
N ALA A 196 -12.58 -9.36 -15.89
CA ALA A 196 -11.40 -8.79 -15.25
C ALA A 196 -10.55 -7.87 -16.12
N THR A 197 -10.97 -7.58 -17.35
CA THR A 197 -10.36 -6.48 -18.10
C THR A 197 -10.68 -5.19 -17.36
N GLY A 198 -9.91 -4.16 -17.61
CA GLY A 198 -10.12 -2.87 -16.96
C GLY A 198 -10.31 -1.76 -17.96
N GLU A 199 -10.99 -0.71 -17.52
CA GLU A 199 -11.22 0.46 -18.36
C GLU A 199 -11.09 1.71 -17.51
N VAL A 200 -10.43 2.73 -18.08
CA VAL A 200 -10.39 4.03 -17.43
C VAL A 200 -11.71 4.74 -17.73
N ILE A 201 -12.53 4.95 -16.71
CA ILE A 201 -13.87 5.55 -16.90
C ILE A 201 -13.96 7.01 -16.45
N ALA A 202 -12.89 7.52 -15.85
CA ALA A 202 -12.75 8.94 -15.52
C ALA A 202 -11.28 9.18 -15.26
N GLU A 203 -10.81 10.38 -15.57
CA GLU A 203 -9.46 10.76 -15.18
C GLU A 203 -9.32 12.27 -15.03
N ALA A 204 -8.38 12.65 -14.16
CA ALA A 204 -7.94 14.01 -13.97
C ALA A 204 -6.45 13.97 -14.27
N ARG A 205 -5.97 14.85 -15.14
CA ARG A 205 -4.58 14.76 -15.61
C ARG A 205 -3.95 16.12 -15.85
N ARG A 206 -2.67 16.19 -15.52
CA ARG A 206 -1.81 17.34 -15.80
C ARG A 206 -1.79 17.72 -17.30
N GLU A 207 -1.65 19.01 -17.60
CA GLU A 207 -1.51 19.49 -19.00
C GLU A 207 -0.43 18.71 -19.73
N GLY A 208 -0.72 18.26 -20.94
CA GLY A 208 0.26 17.57 -21.78
C GLY A 208 0.27 16.05 -21.73
N LEU A 209 -0.38 15.45 -20.73
CA LEU A 209 -0.42 14.00 -20.59
C LEU A 209 -1.42 13.42 -21.59
N HIS A 210 -1.10 12.26 -22.15
CA HIS A 210 -2.01 11.57 -23.09
C HIS A 210 -3.29 11.15 -22.34
N ALA A 211 -4.45 11.21 -23.00
CA ALA A 211 -5.71 10.73 -22.41
C ALA A 211 -5.74 9.20 -22.40
N PHE A 212 -6.11 8.62 -21.25
CA PHE A 212 -6.45 7.20 -21.18
C PHE A 212 -7.96 6.94 -21.06
N LEU A 213 -8.78 7.99 -21.00
CA LEU A 213 -10.22 7.83 -20.86
C LEU A 213 -10.79 6.95 -21.97
N GLY A 214 -11.53 5.91 -21.57
CA GLY A 214 -12.16 5.00 -22.52
C GLY A 214 -11.27 3.85 -22.98
N HIS A 215 -9.99 3.89 -22.64
CA HIS A 215 -9.08 2.84 -23.03
C HIS A 215 -9.30 1.63 -22.12
N ARG A 216 -9.20 0.44 -22.71
CA ARG A 216 -9.37 -0.83 -22.02
C ARG A 216 -8.08 -1.64 -22.05
N PHE A 217 -7.89 -2.48 -21.04
CA PHE A 217 -6.63 -3.18 -20.83
C PHE A 217 -6.89 -4.65 -20.47
N PRO A 218 -5.99 -5.56 -20.90
CA PRO A 218 -6.19 -6.97 -20.56
C PRO A 218 -6.22 -7.26 -19.08
N ALA A 219 -6.93 -8.32 -18.68
CA ALA A 219 -6.99 -8.74 -17.29
C ALA A 219 -5.63 -9.05 -16.69
N SER A 220 -4.72 -9.56 -17.52
CA SER A 220 -3.40 -9.99 -17.07
C SER A 220 -2.52 -8.89 -16.49
N LEU A 221 -2.82 -7.62 -16.82
CA LEU A 221 -2.02 -6.52 -16.30
C LEU A 221 -2.23 -6.25 -14.81
N ILE A 222 -3.34 -6.74 -14.24
CA ILE A 222 -3.53 -6.75 -12.80
C ILE A 222 -3.96 -8.18 -12.48
N PRO A 223 -2.98 -9.07 -12.28
CA PRO A 223 -3.33 -10.50 -12.26
C PRO A 223 -4.18 -10.93 -11.07
N ALA A 224 -4.69 -12.15 -11.14
CA ALA A 224 -5.72 -12.60 -10.20
C ALA A 224 -5.29 -12.55 -8.74
N GLN A 225 -4.03 -12.87 -8.44
CA GLN A 225 -3.59 -12.82 -7.05
C GLN A 225 -3.45 -11.39 -6.53
N ALA A 226 -3.16 -10.45 -7.43
CA ALA A 226 -3.15 -9.02 -7.09
C ALA A 226 -4.56 -8.56 -6.79
N ARG A 227 -5.49 -8.93 -7.65
CA ARG A 227 -6.88 -8.56 -7.45
C ARG A 227 -7.41 -9.10 -6.12
N ALA A 228 -7.05 -10.35 -5.80
CA ALA A 228 -7.44 -10.98 -4.55
C ALA A 228 -6.85 -10.22 -3.36
N LEU A 229 -5.55 -9.94 -3.42
CA LEU A 229 -4.89 -9.19 -2.35
C LEU A 229 -5.56 -7.82 -2.15
N TYR A 230 -5.93 -7.19 -3.26
CA TYR A 230 -6.51 -5.84 -3.23
C TYR A 230 -7.95 -5.79 -2.70
N THR A 231 -8.57 -6.95 -2.55
N THR A 231 -8.60 -6.94 -2.55
CA THR A 231 -9.85 -7.05 -1.89
CA THR A 231 -9.88 -6.97 -1.83
C THR A 231 -9.71 -7.05 -0.35
C THR A 231 -9.68 -6.95 -0.32
N ARG A 232 -8.54 -7.43 0.15
CA ARG A 232 -8.22 -7.50 1.60
C ARG A 232 -7.40 -6.31 2.11
N HIS A 233 -6.45 -5.84 1.29
CA HIS A 233 -5.55 -4.75 1.68
C HIS A 233 -5.71 -3.63 0.66
N LEU A 234 -6.31 -2.53 1.10
CA LEU A 234 -7.01 -1.63 0.20
C LEU A 234 -6.18 -0.49 -0.41
N LEU A 235 -4.91 -0.39 -0.02
CA LEU A 235 -4.02 0.63 -0.59
C LEU A 235 -2.62 0.06 -0.79
N ARG A 236 -2.05 0.33 -1.95
CA ARG A 236 -0.66 -0.01 -2.21
C ARG A 236 -0.04 1.01 -3.13
N LEU A 237 1.30 1.02 -3.14
CA LEU A 237 2.03 2.07 -3.85
C LEU A 237 3.44 1.64 -4.21
N THR A 238 4.01 2.35 -5.18
CA THR A 238 5.44 2.30 -5.49
C THR A 238 5.91 3.74 -5.56
N ALA A 239 6.70 4.17 -4.56
CA ALA A 239 7.11 5.58 -4.49
C ALA A 239 8.16 5.98 -5.54
N ASP A 240 8.98 5.01 -5.95
CA ASP A 240 10.04 5.23 -6.92
C ASP A 240 10.17 3.96 -7.74
N THR A 241 9.71 4.00 -8.98
CA THR A 241 9.71 2.81 -9.81
C THR A 241 11.10 2.36 -10.30
N ARG A 242 12.15 3.12 -10.01
N ARG A 242 12.15 3.14 -10.02
CA ARG A 242 13.52 2.67 -10.30
CA ARG A 242 13.54 2.76 -10.28
C ARG A 242 14.24 2.12 -9.07
C ARG A 242 14.34 2.39 -9.03
N ALA A 243 13.66 2.28 -7.87
CA ALA A 243 14.37 1.97 -6.62
C ALA A 243 14.44 0.47 -6.39
N ALA A 244 15.63 -0.04 -6.14
CA ALA A 244 15.80 -1.43 -5.79
C ALA A 244 15.17 -1.72 -4.42
N ALA A 245 14.60 -2.91 -4.30
CA ALA A 245 14.04 -3.36 -3.03
C ALA A 245 15.15 -3.58 -1.99
N VAL A 246 14.80 -3.36 -0.73
CA VAL A 246 15.72 -3.49 0.40
C VAL A 246 15.30 -4.76 1.14
N PRO A 247 16.14 -5.81 1.16
CA PRO A 247 15.73 -7.05 1.83
C PRO A 247 15.50 -6.93 3.33
N LEU A 248 14.67 -7.81 3.87
CA LEU A 248 14.59 -8.06 5.30
C LEU A 248 15.69 -9.02 5.68
N ASP A 249 16.25 -8.82 6.88
CA ASP A 249 17.30 -9.71 7.40
C ASP A 249 16.99 -10.08 8.87
N PRO A 250 16.92 -11.36 9.21
CA PRO A 250 16.85 -12.47 8.27
C PRO A 250 15.60 -12.39 7.42
N VAL A 251 15.61 -13.06 6.29
CA VAL A 251 14.52 -12.93 5.33
C VAL A 251 13.27 -13.66 5.81
N LEU A 252 13.45 -14.80 6.49
CA LEU A 252 12.33 -15.53 7.07
C LEU A 252 12.08 -15.11 8.51
N ASN A 253 10.82 -15.16 8.91
CA ASN A 253 10.45 -14.97 10.31
C ASN A 253 11.06 -16.12 11.13
N PRO A 254 11.96 -15.81 12.09
CA PRO A 254 12.54 -16.88 12.92
C PRO A 254 11.53 -17.66 13.76
N GLN A 255 10.38 -17.07 14.06
CA GLN A 255 9.32 -17.77 14.79
C GLN A 255 8.88 -19.03 14.05
N THR A 256 8.77 -18.91 12.73
CA THR A 256 8.14 -19.93 11.89
C THR A 256 9.07 -20.61 10.88
N ASN A 257 10.26 -20.04 10.66
CA ASN A 257 11.10 -20.40 9.53
C ASN A 257 10.33 -20.37 8.21
N ALA A 258 9.52 -19.33 8.07
CA ALA A 258 8.64 -19.17 6.92
C ALA A 258 8.54 -17.70 6.55
N PRO A 259 8.09 -17.41 5.33
CA PRO A 259 8.01 -16.03 4.87
C PRO A 259 7.20 -15.11 5.79
N THR A 260 7.64 -13.85 5.89
CA THR A 260 6.94 -12.83 6.65
C THR A 260 5.78 -12.27 5.82
N PRO A 261 4.54 -12.36 6.32
CA PRO A 261 3.43 -11.83 5.51
C PRO A 261 3.47 -10.31 5.45
N LEU A 262 3.57 -9.76 4.24
CA LEU A 262 3.69 -8.32 4.06
C LEU A 262 2.55 -7.71 3.24
N GLY A 263 1.48 -8.45 3.03
CA GLY A 263 0.34 -7.92 2.30
C GLY A 263 -0.26 -6.66 2.92
N GLY A 264 -0.20 -6.55 4.24
CA GLY A 264 -0.66 -5.38 4.97
C GLY A 264 0.35 -4.29 5.24
N ALA A 265 1.54 -4.39 4.64
CA ALA A 265 2.60 -3.42 4.83
C ALA A 265 2.69 -2.59 3.55
N VAL A 266 2.35 -1.31 3.65
N VAL A 266 2.35 -1.31 3.65
CA VAL A 266 2.45 -0.39 2.52
CA VAL A 266 2.46 -0.41 2.50
C VAL A 266 3.89 -0.28 2.00
C VAL A 266 3.90 -0.23 2.01
N LEU A 267 4.87 -0.46 2.89
CA LEU A 267 6.27 -0.45 2.47
C LEU A 267 6.74 -1.69 1.71
N ARG A 268 5.92 -2.74 1.60
CA ARG A 268 6.41 -3.94 0.92
C ARG A 268 6.85 -3.63 -0.51
N ALA A 269 7.86 -4.35 -0.96
CA ALA A 269 8.33 -4.23 -2.34
C ALA A 269 7.22 -4.59 -3.33
N THR A 270 7.16 -3.84 -4.42
CA THR A 270 6.25 -4.10 -5.52
C THR A 270 6.82 -5.14 -6.49
N SER A 271 5.95 -5.93 -7.13
CA SER A 271 6.38 -6.86 -8.16
C SER A 271 7.27 -6.17 -9.18
N PRO A 272 8.44 -6.75 -9.51
CA PRO A 272 9.27 -6.19 -10.57
C PRO A 272 8.58 -6.12 -11.94
N MET A 273 7.64 -7.04 -12.21
CA MET A 273 6.91 -7.00 -13.49
C MET A 273 6.08 -5.72 -13.60
N HIS A 274 5.45 -5.33 -12.50
CA HIS A 274 4.66 -4.13 -12.46
C HIS A 274 5.55 -2.88 -12.49
N MET A 275 6.67 -2.91 -11.76
CA MET A 275 7.61 -1.78 -11.75
CA MET A 275 7.56 -1.76 -11.76
C MET A 275 8.08 -1.48 -13.16
N GLN A 276 8.38 -2.53 -13.93
CA GLN A 276 8.80 -2.38 -15.34
C GLN A 276 7.70 -1.78 -16.21
N PHE A 277 6.48 -2.32 -16.07
CA PHE A 277 5.30 -1.75 -16.74
C PHE A 277 5.21 -0.23 -16.49
N LEU A 278 5.39 0.16 -15.24
CA LEU A 278 5.32 1.59 -14.89
C LEU A 278 6.44 2.42 -15.49
N ARG A 279 7.67 1.91 -15.43
CA ARG A 279 8.78 2.63 -16.04
C ARG A 279 8.55 2.84 -17.54
N ASN A 280 8.04 1.82 -18.21
CA ASN A 280 7.79 1.91 -19.66
C ASN A 280 6.70 2.92 -20.00
N MET A 281 5.79 3.17 -19.07
CA MET A 281 4.78 4.24 -19.18
C MET A 281 5.27 5.64 -18.81
N GLY A 282 6.52 5.75 -18.37
CA GLY A 282 7.04 7.03 -17.87
C GLY A 282 6.54 7.41 -16.48
N VAL A 283 6.18 6.40 -15.68
CA VAL A 283 5.63 6.64 -14.35
C VAL A 283 6.71 6.37 -13.31
N GLY A 284 7.06 7.41 -12.56
CA GLY A 284 8.03 7.35 -11.47
C GLY A 284 7.46 6.92 -10.13
N SER A 285 6.16 7.16 -9.94
CA SER A 285 5.47 6.90 -8.68
C SER A 285 4.03 6.49 -8.97
N SER A 286 3.56 5.45 -8.28
CA SER A 286 2.20 4.92 -8.53
C SER A 286 1.54 4.61 -7.19
N LEU A 287 0.23 4.82 -7.10
CA LEU A 287 -0.55 4.51 -5.89
C LEU A 287 -1.97 4.18 -6.28
N SER A 288 -2.53 3.13 -5.69
CA SER A 288 -3.96 2.88 -5.92
C SER A 288 -4.68 2.51 -4.64
N VAL A 289 -5.98 2.83 -4.68
CA VAL A 289 -6.90 2.52 -3.60
C VAL A 289 -8.01 1.67 -4.17
N SER A 290 -8.33 0.57 -3.50
CA SER A 290 -9.41 -0.30 -3.92
C SER A 290 -10.79 0.32 -3.72
N VAL A 291 -11.66 0.06 -4.69
CA VAL A 291 -13.08 0.38 -4.59
C VAL A 291 -13.76 -0.98 -4.49
N VAL A 292 -14.37 -1.24 -3.33
CA VAL A 292 -14.92 -2.56 -3.01
C VAL A 292 -16.43 -2.41 -2.82
N VAL A 293 -17.20 -3.11 -3.65
CA VAL A 293 -18.67 -3.00 -3.67
C VAL A 293 -19.22 -4.40 -3.53
N GLY A 294 -20.05 -4.64 -2.51
CA GLY A 294 -20.59 -5.97 -2.23
C GLY A 294 -19.52 -7.03 -2.00
N GLY A 295 -18.42 -6.64 -1.37
CA GLY A 295 -17.29 -7.54 -1.12
C GLY A 295 -16.45 -7.94 -2.33
N GLN A 296 -16.72 -7.33 -3.49
CA GLN A 296 -15.99 -7.60 -4.73
C GLN A 296 -15.19 -6.37 -5.13
N LEU A 297 -14.03 -6.60 -5.76
CA LEU A 297 -13.18 -5.51 -6.25
C LEU A 297 -13.82 -4.92 -7.51
N TRP A 298 -14.41 -3.74 -7.35
CA TRP A 298 -15.14 -3.06 -8.40
C TRP A 298 -14.18 -2.29 -9.31
N GLY A 299 -13.15 -1.72 -8.71
CA GLY A 299 -12.19 -0.92 -9.45
C GLY A 299 -11.12 -0.37 -8.54
N LEU A 300 -10.37 0.59 -9.08
CA LEU A 300 -9.26 1.24 -8.37
C LEU A 300 -9.29 2.72 -8.64
N ILE A 301 -9.00 3.51 -7.60
CA ILE A 301 -8.53 4.88 -7.79
C ILE A 301 -7.05 4.69 -8.06
N ALA A 302 -6.62 4.94 -9.30
CA ALA A 302 -5.23 4.65 -9.73
C ALA A 302 -4.49 5.95 -10.03
N CYS A 303 -3.36 6.17 -9.36
CA CYS A 303 -2.65 7.44 -9.43
C CYS A 303 -1.25 7.26 -9.98
N HIS A 304 -0.81 8.22 -10.79
CA HIS A 304 0.56 8.26 -11.31
C HIS A 304 1.21 9.62 -11.07
N HIS A 305 2.52 9.59 -10.88
CA HIS A 305 3.39 10.77 -10.98
C HIS A 305 4.57 10.45 -11.90
N GLN A 306 5.00 11.42 -12.71
N GLN A 306 4.99 11.42 -12.71
CA GLN A 306 6.17 11.21 -13.55
CA GLN A 306 6.18 11.25 -13.56
C GLN A 306 7.47 11.11 -12.74
C GLN A 306 7.47 11.11 -12.73
N THR A 307 7.62 11.99 -11.76
CA THR A 307 8.78 12.01 -10.87
C THR A 307 8.48 11.08 -9.68
N PRO A 308 9.51 10.39 -9.13
CA PRO A 308 9.27 9.70 -7.84
C PRO A 308 8.66 10.65 -6.80
N TYR A 309 7.88 10.09 -5.90
CA TYR A 309 7.05 10.92 -5.03
C TYR A 309 6.52 10.06 -3.91
N VAL A 310 6.81 10.47 -2.69
CA VAL A 310 6.29 9.81 -1.49
C VAL A 310 5.09 10.60 -0.99
N LEU A 311 3.90 10.05 -1.18
CA LEU A 311 2.71 10.71 -0.68
C LEU A 311 2.75 10.66 0.86
N PRO A 312 2.66 11.83 1.53
CA PRO A 312 2.73 11.84 3.00
C PRO A 312 1.73 10.88 3.69
N PRO A 313 2.13 10.25 4.80
CA PRO A 313 1.27 9.31 5.55
C PRO A 313 -0.15 9.83 5.86
N ASP A 314 -0.25 11.08 6.29
CA ASP A 314 -1.57 11.65 6.61
C ASP A 314 -2.46 11.78 5.38
N LEU A 315 -1.86 12.06 4.22
CA LEU A 315 -2.60 12.07 2.95
C LEU A 315 -3.07 10.66 2.54
N ARG A 316 -2.27 9.62 2.80
N ARG A 316 -2.26 9.63 2.79
CA ARG A 316 -2.70 8.25 2.51
CA ARG A 316 -2.67 8.24 2.54
C ARG A 316 -3.93 7.86 3.33
C ARG A 316 -3.93 7.87 3.32
N THR A 317 -3.95 8.23 4.61
CA THR A 317 -5.10 7.99 5.48
C THR A 317 -6.35 8.67 4.91
N THR A 318 -6.21 9.91 4.46
CA THR A 318 -7.30 10.63 3.80
C THR A 318 -7.80 9.84 2.58
N LEU A 319 -6.87 9.36 1.74
CA LEU A 319 -7.28 8.55 0.59
C LEU A 319 -7.99 7.25 0.97
N GLU A 320 -7.57 6.62 2.07
CA GLU A 320 -8.24 5.42 2.58
C GLU A 320 -9.70 5.74 2.95
N TYR A 321 -9.92 6.85 3.64
CA TYR A 321 -11.28 7.30 3.95
C TYR A 321 -12.09 7.54 2.67
N LEU A 322 -11.50 8.24 1.71
CA LEU A 322 -12.19 8.51 0.44
C LEU A 322 -12.46 7.26 -0.39
N GLY A 323 -11.57 6.28 -0.33
CA GLY A 323 -11.81 4.99 -0.97
C GLY A 323 -13.07 4.33 -0.43
N ARG A 324 -13.19 4.33 0.89
CA ARG A 324 -14.38 3.75 1.55
C ARG A 324 -15.65 4.55 1.18
N GLU A 325 -15.56 5.87 1.17
CA GLU A 325 -16.68 6.72 0.78
C GLU A 325 -17.09 6.49 -0.68
N LEU A 326 -16.11 6.46 -1.58
CA LEU A 326 -16.38 6.19 -3.00
C LEU A 326 -17.05 4.83 -3.19
N SER A 327 -16.55 3.82 -2.49
CA SER A 327 -17.14 2.48 -2.51
C SER A 327 -18.62 2.49 -2.12
N GLU A 328 -18.92 3.20 -1.04
CA GLU A 328 -20.31 3.36 -0.58
C GLU A 328 -21.14 4.10 -1.62
N GLN A 329 -20.59 5.18 -2.18
CA GLN A 329 -21.32 5.99 -3.14
C GLN A 329 -21.50 5.32 -4.49
N VAL A 330 -20.54 4.49 -4.92
CA VAL A 330 -20.74 3.70 -6.13
C VAL A 330 -21.95 2.78 -5.97
N GLN A 331 -22.05 2.11 -4.83
CA GLN A 331 -23.20 1.26 -4.56
C GLN A 331 -24.51 2.07 -4.57
N VAL A 332 -24.49 3.26 -3.95
CA VAL A 332 -25.68 4.15 -3.91
C VAL A 332 -26.08 4.63 -5.30
N LYS A 333 -25.11 5.13 -6.06
N LYS A 333 -25.11 5.12 -6.07
CA LYS A 333 -25.34 5.62 -7.43
CA LYS A 333 -25.38 5.63 -7.42
C LYS A 333 -25.82 4.53 -8.38
C LYS A 333 -25.79 4.54 -8.41
N GLU A 334 -25.21 3.34 -8.28
CA GLU A 334 -25.62 2.19 -9.09
C GLU A 334 -27.07 1.75 -8.79
N ALA A 335 -27.49 1.89 -7.54
CA ALA A 335 -28.88 1.61 -7.14
C ALA A 335 -29.87 2.64 -7.70
N LEU A 336 -29.46 3.90 -7.77
CA LEU A 336 -30.30 4.97 -8.34
C LEU A 336 -30.52 4.77 -9.84
N GLU A 337 -29.44 4.45 -10.56
CA GLU A 337 -29.47 4.30 -12.01
C GLU A 337 -29.84 2.88 -12.43
C1A LBV B . 1.86 -6.28 -16.32
C1B LBV B . 1.23 -7.01 -12.01
O1B LBV B . 1.11 -4.75 -5.75
C1C LBV B . -1.00 -3.17 -11.02
O1C LBV B . 0.57 0.81 -8.74
C1D LBV B . -2.40 -0.41 -14.62
C2A LBV B . 2.15 -7.67 -16.84
C2B LBV B . 1.42 -7.39 -10.73
O2B LBV B . 3.18 -5.50 -6.00
C2C LBV B . -1.71 -2.11 -10.43
O2C LBV B . -1.57 0.99 -8.24
C2D LBV B . -2.98 -0.25 -15.95
C3A LBV B . 2.30 -8.39 -15.53
C3B LBV B . 0.86 -6.36 -9.91
C3C LBV B . -2.26 -1.35 -11.48
C3D LBV B . -3.05 1.05 -16.22
C4A LBV B . 1.85 -7.49 -14.45
C4B LBV B . 0.38 -5.44 -10.74
C4C LBV B . -1.84 -1.97 -12.65
C4D LBV B . -2.47 1.72 -15.03
CAA LBV B . 2.51 -9.72 -15.40
CAB LBV B . 0.91 -6.33 -8.40
CAC LBV B . -1.94 -1.78 -8.97
CAD LBV B . -3.58 1.66 -17.45
CBA LBV B . 3.02 -10.64 -16.49
CBB LBV B . 1.85 -5.17 -7.96
CBC LBV B . -0.68 -1.21 -8.27
CBD LBV B . -3.81 2.97 -17.59
CGB LBV B . 2.06 -5.14 -6.47
CGC LBV B . -0.54 0.29 -8.43
CHB LBV B . 1.65 -7.83 -13.16
CHC LBV B . -0.26 -4.20 -10.24
CHD LBV B . -2.17 -1.60 -14.06
CMA LBV B . 3.46 -7.62 -17.66
CMB LBV B . 2.10 -8.64 -10.24
CMC LBV B . -3.17 -0.12 -11.35
CMD LBV B . -3.44 -1.39 -16.83
N_A LBV B . 1.71 -6.27 -14.99
O_A LBV B . 1.79 -5.30 -17.05
N_B LBV B . 0.61 -5.85 -11.98
N_C LBV B . -1.10 -3.05 -12.36
N_D LBV B . -2.12 0.80 -14.12
O_D LBV B . -2.34 2.92 -14.88
H2A LBV B . 1.28 -8.05 -17.41
HAA1 LBV B . 2.72 -10.10 -14.41
HAB1 LBV B . 1.34 -7.27 -8.04
HAB2 LBV B . -0.10 -6.23 -7.95
HAC1 LBV B . -2.31 -2.66 -8.44
HAC2 LBV B . -2.73 -1.02 -8.89
HAD1 LBV B . -3.82 1.01 -18.29
HBA1 LBV B . 2.27 -10.67 -17.30
HBA2 LBV B . 3.95 -10.24 -16.91
HBA3 LBV B . 3.23 -11.66 -16.16
HBB1 LBV B . 1.42 -4.20 -8.25
HBB2 LBV B . 2.83 -5.28 -8.44
HBC1 LBV B . 0.22 -1.70 -8.66
HBC2 LBV B . -0.73 -1.43 -7.19
HBD1 LBV B . -4.21 3.38 -18.52
HBD2 LBV B . -3.59 3.67 -16.78
HHB1 LBV B . 1.81 -8.87 -12.89
HHC1 LBV B . 0.00 -3.94 -9.23
HHD1 LBV B . -2.23 -2.47 -14.72
HMA1 LBV B . 4.24 -8.20 -17.14
HMA2 LBV B . 3.80 -6.58 -17.73
HMA3 LBV B . 3.34 -8.02 -18.66
HMB1 LBV B . 2.36 -8.53 -9.18
HMB2 LBV B . 3.02 -8.78 -10.81
HMB3 LBV B . 1.46 -9.52 -10.35
HMC1 LBV B . -3.77 0.04 -12.25
HMC2 LBV B . -3.83 -0.27 -10.49
HMC3 LBV B . -2.56 0.78 -11.17
HMD1 LBV B . -4.26 -1.09 -17.48
HMD2 LBV B . -3.76 -2.23 -16.20
HMD3 LBV B . -2.60 -1.72 -17.46
HAD LBV B . 1.51 -5.41 -14.50
HAE LBV B . 0.31 -5.34 -12.82
HAF LBV B . -0.68 -3.67 -13.05
HAG LBV B . -1.69 1.03 -13.23
C1A LBW C . 2.26 -6.59 -16.28
C1B LBW C . 1.25 -7.00 -11.98
O1B LBW C . 1.04 -4.93 -5.68
C1C LBW C . -1.10 -3.15 -11.28
O1C LBW C . 0.40 0.74 -9.26
C1D LBW C . -2.16 -0.38 -14.98
C2A LBW C . 2.71 -7.98 -16.64
C2B LBW C . 1.44 -7.31 -10.69
O2B LBW C . 3.03 -5.88 -5.96
C2C LBW C . -1.76 -2.03 -10.75
O2C LBW C . -1.67 1.05 -8.54
C2D LBW C . -2.76 -0.19 -16.31
C3A LBW C . 2.54 -8.64 -15.30
C3B LBW C . 0.78 -6.28 -9.93
C3C LBW C . -2.19 -1.26 -11.83
C3D LBW C . -2.80 1.10 -16.57
C4A LBW C . 1.98 -7.65 -14.36
C4B LBW C . 0.25 -5.43 -10.82
C4C LBW C . -1.74 -1.93 -12.98
C4D LBW C . -2.21 1.76 -15.40
CAA LBW C . 3.08 -9.84 -14.97
CAB LBW C . 0.79 -6.26 -8.42
CAC LBW C . -2.02 -1.75 -9.26
CAD LBW C . -3.35 1.70 -17.80
CBA LBW C . 3.36 -10.97 -15.93
CBB LBW C . 1.80 -5.20 -7.89
CBC LBW C . -0.83 -1.15 -8.49
CBD LBW C . -3.26 2.99 -18.15
CGB LBW C . 1.97 -5.35 -6.42
CGC LBW C . -0.69 0.31 -8.79
CHB LBW C . 1.80 -7.86 -13.04
CHC LBW C . -0.51 -4.23 -10.42
CHD LBW C . -1.93 -1.57 -14.43
CMA LBW C . 1.80 -8.59 -17.73
CMB LBW C . 2.18 -8.49 -10.11
CMC LBW C . -2.98 0.05 -11.79
CMD LBW C . -3.22 -1.32 -17.19
N_A LBW C . 1.87 -6.47 -15.00
O_A LBW C . 2.26 -5.68 -17.11
N_B LBW C . 0.55 -5.89 -12.02
N_C LBW C . -1.10 -3.05 -12.62
N_D LBW C . -1.86 0.84 -14.49
O_D LBW C . -2.06 2.96 -15.27
H2A LBW C . 3.77 -7.94 -16.94
HAA1 LBW C . 3.71 -9.89 -14.08
HAB1 LBW C . 1.10 -7.24 -8.07
HAB2 LBW C . -0.22 -6.11 -8.03
HAC1 LBW C . -2.33 -2.69 -8.78
HAC2 LBW C . -2.86 -1.06 -9.16
HAD1 LBW C . -3.87 1.04 -18.48
HBA1 LBW C . 3.78 -11.82 -15.39
HBA2 LBW C . 2.42 -11.26 -16.42
HBA3 LBW C . 4.06 -10.69 -16.73
HBB1 LBW C . 1.44 -4.18 -8.11
HBB2 LBW C . 2.78 -5.33 -8.40
HBC1 LBW C . 0.10 -1.68 -8.72
HBC2 LBW C . -1.00 -1.24 -7.41
HBD1 LBW C . -3.69 3.37 -19.08
HBD2 LBW C . -2.74 3.70 -17.50
HHB1 LBW C . 2.11 -8.82 -12.64
HHC1 LBW C . -0.38 -3.95 -9.38
HHD1 LBW C . -1.86 -2.43 -15.09
HMA1 LBW C . 0.91 -9.06 -17.28
HMA2 LBW C . 2.33 -9.34 -18.33
HMA3 LBW C . 1.46 -7.79 -18.42
HMB1 LBW C . 2.51 -8.26 -9.09
HMB2 LBW C . 3.05 -8.71 -10.74
HMB3 LBW C . 1.53 -9.37 -10.06
HMC1 LBW C . -2.97 0.56 -12.76
HMC2 LBW C . -4.02 -0.16 -11.52
HMC3 LBW C . -2.54 0.72 -11.03
HMD1 LBW C . -3.19 -1.07 -18.25
HMD2 LBW C . -4.25 -1.59 -16.91
HMD3 LBW C . -2.56 -2.19 -17.03
HAD LBW C . 1.54 -5.61 -14.64
HAE LBW C . 0.27 -5.44 -12.89
HAF LBW C . -0.68 -3.71 -13.28
HAG LBW C . -1.42 1.07 -13.62
P PO4 D . -2.17 21.09 -14.27
O1 PO4 D . -3.48 20.36 -14.34
O2 PO4 D . -1.24 20.36 -13.35
O3 PO4 D . -1.54 21.14 -15.64
O4 PO4 D . -2.43 22.49 -13.78
C1 PEG E . 15.93 -17.85 -10.43
O1 PEG E . 16.32 -17.21 -11.65
C2 PEG E . 16.20 -19.36 -10.49
O2 PEG E . 15.17 -20.09 -9.81
C3 PEG E . 14.94 -21.39 -10.33
C4 PEG E . 13.77 -21.33 -11.31
O4 PEG E . 13.72 -22.46 -12.17
H11 PEG E . 16.50 -17.43 -9.59
H12 PEG E . 14.87 -17.69 -10.23
HO1 PEG E . 16.50 -16.28 -11.48
H21 PEG E . 16.24 -19.66 -11.54
H22 PEG E . 17.16 -19.58 -10.05
H31 PEG E . 15.83 -21.79 -10.83
H32 PEG E . 14.67 -22.08 -9.52
H41 PEG E . 12.85 -21.28 -10.73
H42 PEG E . 13.85 -20.41 -11.91
HO4 PEG E . 13.68 -23.27 -11.63
C1 PEG F . -13.73 -11.21 -12.38
O1 PEG F . -12.87 -11.85 -11.42
C2 PEG F . -14.32 -9.93 -11.80
O2 PEG F . -13.59 -8.75 -12.18
C3 PEG F . -12.19 -8.66 -11.78
C4 PEG F . -12.00 -8.56 -10.28
O4 PEG F . -12.17 -7.21 -9.87
H11 PEG F . -13.18 -10.99 -13.29
H12 PEG F . -14.54 -11.90 -12.62
HO1 PEG F . -12.91 -12.80 -11.55
H21 PEG F . -15.34 -9.82 -12.17
H22 PEG F . -14.40 -10.01 -10.71
H31 PEG F . -11.64 -9.53 -12.14
H32 PEG F . -11.74 -7.79 -12.25
H41 PEG F . -12.69 -9.20 -9.73
H42 PEG F . -10.99 -8.87 -10.01
HO4 PEG F . -13.08 -6.94 -10.05
#